data_1Q6U
#
_entry.id   1Q6U
#
_cell.length_a   115.180
_cell.length_b   132.750
_cell.length_c   41.780
_cell.angle_alpha   90.00
_cell.angle_beta   90.00
_cell.angle_gamma   90.00
#
_symmetry.space_group_name_H-M   'C 2 2 21'
#
loop_
_entity.id
_entity.type
_entity.pdbx_description
1 polymer 'FKBP-type peptidyl-prolyl cis-trans isomerase fkpA'
2 non-polymer 'CESIUM ION'
3 water water
#
_entity_poly.entity_id   1
_entity_poly.type   'polypeptide(L)'
_entity_poly.pdbx_seq_one_letter_code
;AEAAKPATAADSKAAFKNDDQKSAYALGASLGRYMENSLKEQEKLGIKLDKDQLIAGVQDAFADKSKLSDQEIEQTLQAF
EARVKSSAQAKMEKDAADNEAKGKEYREKFAKEKGVKTSSTGLVYQVVEAGKGEAPKDSDTVVVNYKGTLIDGKEFDNSY
TRGEPLSFRLDGVIPGWTEGLKNIKKGGKIKLVIPPELAYGKAGVPGIPPNSTLVFDVELLDVKPAPKADAKPEADAKAA
DSAKK
;
_entity_poly.pdbx_strand_id   A
#
# COMPACT_ATOMS: atom_id res chain seq x y z
N ALA A 15 -24.95 -19.83 -30.23
CA ALA A 15 -25.53 -21.19 -29.86
C ALA A 15 -26.73 -21.05 -28.95
N PHE A 16 -27.52 -20.05 -29.22
CA PHE A 16 -28.76 -19.88 -28.53
C PHE A 16 -29.79 -19.87 -29.61
N LYS A 17 -30.82 -20.64 -29.42
CA LYS A 17 -31.82 -20.78 -30.45
C LYS A 17 -32.97 -19.82 -30.24
N ASN A 18 -33.00 -19.21 -29.06
CA ASN A 18 -34.05 -18.29 -28.72
C ASN A 18 -33.62 -17.43 -27.52
N ASP A 19 -34.43 -16.42 -27.20
CA ASP A 19 -34.21 -15.50 -26.09
C ASP A 19 -34.22 -16.21 -24.74
N ASP A 20 -35.09 -17.20 -24.61
CA ASP A 20 -35.17 -17.89 -23.33
C ASP A 20 -33.79 -18.44 -23.00
N GLN A 21 -33.14 -19.06 -23.97
CA GLN A 21 -31.83 -19.62 -23.78
C GLN A 21 -30.75 -18.55 -23.62
N LYS A 22 -30.77 -17.55 -24.46
CA LYS A 22 -29.73 -16.54 -24.39
C LYS A 22 -29.78 -15.78 -23.07
N SER A 23 -30.97 -15.38 -22.67
CA SER A 23 -31.08 -14.61 -21.45
C SER A 23 -30.68 -15.46 -20.28
N ALA A 24 -31.10 -16.71 -20.27
CA ALA A 24 -30.78 -17.54 -19.14
C ALA A 24 -29.25 -17.59 -18.98
N TYR A 25 -28.57 -17.80 -20.10
CA TYR A 25 -27.13 -17.96 -20.13
C TYR A 25 -26.49 -16.66 -19.72
N ALA A 26 -27.01 -15.57 -20.24
CA ALA A 26 -26.44 -14.30 -19.86
C ALA A 26 -26.54 -14.12 -18.38
N LEU A 27 -27.68 -14.48 -17.82
CA LEU A 27 -27.91 -14.37 -16.40
C LEU A 27 -26.89 -15.19 -15.60
N GLY A 28 -26.68 -16.43 -16.03
CA GLY A 28 -25.70 -17.27 -15.37
C GLY A 28 -24.29 -16.74 -15.50
N ALA A 29 -23.98 -16.28 -16.71
CA ALA A 29 -22.67 -15.79 -16.97
C ALA A 29 -22.39 -14.65 -16.05
N SER A 30 -23.37 -13.77 -15.84
CA SER A 30 -23.09 -12.59 -15.04
C SER A 30 -22.90 -12.99 -13.59
N LEU A 31 -23.60 -14.03 -13.18
CA LEU A 31 -23.39 -14.50 -11.85
C LEU A 31 -22.04 -15.24 -11.73
N GLY A 32 -21.69 -16.02 -12.73
CA GLY A 32 -20.41 -16.71 -12.75
C GLY A 32 -19.25 -15.69 -12.70
N ARG A 33 -19.38 -14.59 -13.41
CA ARG A 33 -18.32 -13.60 -13.36
C ARG A 33 -18.31 -12.97 -11.99
N TYR A 34 -19.48 -12.73 -11.44
CA TYR A 34 -19.58 -12.11 -10.14
C TYR A 34 -18.80 -12.94 -9.12
N MET A 35 -19.00 -14.24 -9.18
CA MET A 35 -18.28 -15.12 -8.26
C MET A 35 -16.81 -15.12 -8.51
N GLU A 36 -16.43 -15.26 -9.77
CA GLU A 36 -15.05 -15.29 -10.10
C GLU A 36 -14.35 -14.07 -9.51
N ASN A 37 -14.98 -12.92 -9.66
CA ASN A 37 -14.36 -11.70 -9.16
C ASN A 37 -14.35 -11.59 -7.66
N SER A 38 -15.28 -12.24 -6.99
CA SER A 38 -15.34 -12.19 -5.55
C SER A 38 -14.23 -13.05 -4.95
N LEU A 39 -14.01 -14.18 -5.60
CA LEU A 39 -12.95 -15.08 -5.24
C LEU A 39 -11.62 -14.35 -5.31
N LYS A 40 -11.36 -13.67 -6.43
CA LYS A 40 -10.10 -12.95 -6.58
C LYS A 40 -9.93 -11.94 -5.46
N GLU A 41 -11.03 -11.33 -5.03
CA GLU A 41 -11.03 -10.42 -3.89
C GLU A 41 -10.66 -11.17 -2.60
N GLN A 42 -11.24 -12.34 -2.41
CA GLN A 42 -10.98 -13.16 -1.25
C GLN A 42 -9.51 -13.58 -1.29
N GLU A 43 -9.04 -14.05 -2.44
CA GLU A 43 -7.63 -14.46 -2.57
C GLU A 43 -6.63 -13.41 -2.06
N LYS A 44 -6.91 -12.13 -2.32
CA LYS A 44 -6.03 -11.06 -1.84
C LYS A 44 -6.10 -10.87 -0.30
N LEU A 45 -7.06 -11.51 0.35
CA LEU A 45 -7.16 -11.47 1.80
C LEU A 45 -6.65 -12.77 2.35
N GLY A 46 -6.02 -13.57 1.51
CA GLY A 46 -5.51 -14.86 1.93
C GLY A 46 -6.55 -15.98 2.04
N ILE A 47 -7.68 -15.88 1.35
CA ILE A 47 -8.69 -16.96 1.36
C ILE A 47 -8.87 -17.61 -0.02
N LYS A 48 -8.67 -18.92 -0.08
CA LYS A 48 -8.82 -19.64 -1.34
C LYS A 48 -9.92 -20.69 -1.25
N LEU A 49 -11.09 -20.38 -1.82
CA LEU A 49 -12.23 -21.29 -1.73
C LEU A 49 -12.17 -22.40 -2.75
N ASP A 50 -12.66 -23.56 -2.34
CA ASP A 50 -12.68 -24.73 -3.19
C ASP A 50 -13.67 -24.41 -4.28
N LYS A 51 -13.22 -24.40 -5.52
CA LYS A 51 -14.05 -23.96 -6.64
C LYS A 51 -15.13 -24.96 -7.04
N ASP A 52 -14.85 -26.26 -6.93
CA ASP A 52 -15.84 -27.26 -7.31
C ASP A 52 -17.01 -27.27 -6.33
N GLN A 53 -16.72 -26.95 -5.08
CA GLN A 53 -17.76 -26.94 -4.10
C GLN A 53 -18.68 -25.76 -4.35
N LEU A 54 -18.09 -24.65 -4.74
CA LEU A 54 -18.88 -23.48 -5.02
C LEU A 54 -19.91 -23.79 -6.11
N ILE A 55 -19.46 -24.43 -7.17
CA ILE A 55 -20.38 -24.80 -8.23
C ILE A 55 -21.36 -25.88 -7.74
N ALA A 56 -20.89 -26.78 -6.89
CA ALA A 56 -21.76 -27.85 -6.43
C ALA A 56 -22.89 -27.25 -5.58
N GLY A 57 -22.63 -26.20 -4.84
CA GLY A 57 -23.66 -25.54 -4.07
C GLY A 57 -24.69 -24.91 -4.98
N VAL A 58 -24.24 -24.22 -6.01
CA VAL A 58 -25.14 -23.63 -6.94
C VAL A 58 -26.00 -24.74 -7.54
N GLN A 59 -25.41 -25.78 -8.07
CA GLN A 59 -26.20 -26.87 -8.61
C GLN A 59 -27.18 -27.54 -7.63
N ASP A 60 -26.70 -27.93 -6.47
CA ASP A 60 -27.54 -28.63 -5.52
C ASP A 60 -28.76 -27.80 -5.13
N ALA A 61 -28.56 -26.54 -4.82
CA ALA A 61 -29.64 -25.69 -4.36
C ALA A 61 -30.63 -25.43 -5.45
N PHE A 62 -30.12 -25.26 -6.65
CA PHE A 62 -30.95 -25.02 -7.78
C PHE A 62 -31.81 -26.22 -8.02
N ALA A 63 -31.27 -27.40 -7.78
CA ALA A 63 -32.00 -28.66 -7.94
C ALA A 63 -32.80 -29.08 -6.66
N ASP A 64 -32.81 -28.21 -5.65
CA ASP A 64 -33.52 -28.48 -4.40
C ASP A 64 -32.94 -29.69 -3.65
N LYS A 65 -31.61 -29.70 -3.58
CA LYS A 65 -30.91 -30.76 -2.91
C LYS A 65 -29.64 -30.32 -2.21
N SER A 66 -29.66 -29.09 -1.73
CA SER A 66 -28.54 -28.50 -1.01
C SER A 66 -28.25 -29.35 0.21
N LYS A 67 -26.99 -29.59 0.50
CA LYS A 67 -26.62 -30.40 1.66
C LYS A 67 -26.62 -29.52 2.86
N LEU A 68 -26.79 -28.22 2.67
CA LEU A 68 -26.97 -27.33 3.78
C LEU A 68 -28.40 -26.77 3.82
N SER A 69 -28.98 -26.66 5.02
CA SER A 69 -30.26 -25.97 5.24
C SER A 69 -30.08 -24.47 5.04
N ASP A 70 -31.17 -23.77 4.82
CA ASP A 70 -31.14 -22.35 4.57
C ASP A 70 -30.57 -21.68 5.80
N GLN A 71 -30.86 -22.21 6.97
CA GLN A 71 -30.31 -21.58 8.16
C GLN A 71 -28.80 -21.78 8.19
N GLU A 72 -28.35 -22.96 7.79
CA GLU A 72 -26.94 -23.26 7.81
C GLU A 72 -26.20 -22.33 6.87
N ILE A 73 -26.78 -22.17 5.69
CA ILE A 73 -26.15 -21.40 4.65
C ILE A 73 -25.94 -20.00 5.21
N GLU A 74 -26.93 -19.51 5.94
CA GLU A 74 -26.89 -18.19 6.42
C GLU A 74 -25.91 -18.00 7.58
N GLN A 75 -25.79 -19.01 8.42
CA GLN A 75 -24.89 -18.85 9.52
C GLN A 75 -23.44 -19.08 9.03
N THR A 76 -23.28 -19.94 8.05
CA THR A 76 -21.99 -20.11 7.47
C THR A 76 -21.50 -18.82 6.77
N LEU A 77 -22.34 -18.14 6.03
CA LEU A 77 -21.89 -16.94 5.36
C LEU A 77 -21.52 -15.92 6.41
N GLN A 78 -22.30 -15.80 7.48
CA GLN A 78 -21.93 -14.87 8.53
C GLN A 78 -20.55 -15.25 9.09
N ALA A 79 -20.32 -16.54 9.29
CA ALA A 79 -19.05 -16.94 9.84
C ALA A 79 -17.94 -16.66 8.83
N PHE A 80 -18.24 -16.79 7.55
CA PHE A 80 -17.26 -16.52 6.52
C PHE A 80 -16.89 -15.03 6.57
N GLU A 81 -17.85 -14.19 6.85
CA GLU A 81 -17.53 -12.79 6.91
C GLU A 81 -16.49 -12.59 8.00
N ALA A 82 -16.70 -13.24 9.11
CA ALA A 82 -15.77 -13.08 10.20
C ALA A 82 -14.42 -13.63 9.78
N ARG A 83 -14.43 -14.70 8.99
CA ARG A 83 -13.19 -15.34 8.60
C ARG A 83 -12.48 -14.47 7.61
N VAL A 84 -13.19 -13.60 6.94
CA VAL A 84 -12.51 -12.78 5.98
C VAL A 84 -11.82 -11.66 6.70
N LYS A 85 -12.55 -10.97 7.58
CA LYS A 85 -11.96 -9.90 8.36
C LYS A 85 -10.73 -10.42 9.08
N SER A 86 -10.85 -11.63 9.63
CA SER A 86 -9.78 -12.21 10.40
C SER A 86 -8.60 -12.63 9.51
N SER A 87 -8.89 -13.09 8.30
CA SER A 87 -7.82 -13.58 7.41
C SER A 87 -7.03 -12.41 6.86
N ALA A 88 -7.74 -11.32 6.62
CA ALA A 88 -7.14 -10.09 6.20
C ALA A 88 -6.15 -9.63 7.27
N GLN A 89 -6.56 -9.73 8.52
CA GLN A 89 -5.72 -9.31 9.59
C GLN A 89 -4.44 -10.14 9.52
N ALA A 90 -4.58 -11.45 9.47
CA ALA A 90 -3.42 -12.30 9.39
C ALA A 90 -2.55 -12.02 8.19
N LYS A 91 -3.13 -11.60 7.08
CA LYS A 91 -2.34 -11.36 5.90
C LYS A 91 -1.53 -10.11 6.12
N MET A 92 -2.21 -9.09 6.60
CA MET A 92 -1.60 -7.85 6.89
C MET A 92 -0.33 -8.10 7.70
N GLU A 93 -0.41 -8.96 8.70
CA GLU A 93 0.74 -9.17 9.56
C GLU A 93 1.83 -9.96 8.91
N LYS A 94 1.43 -10.84 8.00
CA LYS A 94 2.39 -11.65 7.29
C LYS A 94 3.15 -10.73 6.36
N ASP A 95 2.40 -9.94 5.60
CA ASP A 95 2.99 -9.04 4.64
C ASP A 95 3.86 -8.01 5.37
N ALA A 96 3.46 -7.69 6.59
CA ALA A 96 4.21 -6.72 7.36
C ALA A 96 5.59 -7.28 7.65
N ALA A 97 5.66 -8.56 7.95
CA ALA A 97 6.92 -9.19 8.28
C ALA A 97 7.77 -9.33 7.03
N ASP A 98 7.14 -9.71 5.95
CA ASP A 98 7.92 -9.84 4.75
C ASP A 98 8.43 -8.44 4.32
N ASN A 99 7.58 -7.43 4.33
CA ASN A 99 8.01 -6.11 3.91
C ASN A 99 9.17 -5.56 4.72
N GLU A 100 9.18 -5.75 6.02
CA GLU A 100 10.30 -5.29 6.79
C GLU A 100 11.56 -6.13 6.56
N ALA A 101 11.39 -7.39 6.18
CA ALA A 101 12.53 -8.23 5.91
C ALA A 101 13.16 -7.72 4.66
N LYS A 102 12.35 -7.42 3.67
CA LYS A 102 12.89 -6.91 2.44
C LYS A 102 13.48 -5.56 2.70
N GLY A 103 12.74 -4.78 3.46
CA GLY A 103 13.12 -3.41 3.72
C GLY A 103 14.43 -3.29 4.45
N LYS A 104 14.62 -4.13 5.46
CA LYS A 104 15.82 -4.10 6.23
C LYS A 104 17.01 -4.40 5.33
N GLU A 105 16.84 -5.35 4.43
CA GLU A 105 17.92 -5.71 3.53
C GLU A 105 18.26 -4.56 2.58
N TYR A 106 17.24 -3.91 2.04
CA TYR A 106 17.43 -2.78 1.15
C TYR A 106 18.14 -1.64 1.90
N ARG A 107 17.65 -1.28 3.08
CA ARG A 107 18.27 -0.23 3.87
C ARG A 107 19.73 -0.58 4.17
N GLU A 108 20.01 -1.84 4.40
CA GLU A 108 21.35 -2.23 4.75
C GLU A 108 22.29 -2.17 3.51
N LYS A 109 21.78 -2.43 2.32
CA LYS A 109 22.62 -2.34 1.15
C LYS A 109 22.89 -0.87 0.85
N PHE A 110 21.83 -0.08 0.89
CA PHE A 110 21.97 1.30 0.56
C PHE A 110 22.89 2.02 1.53
N ALA A 111 22.93 1.60 2.76
CA ALA A 111 23.73 2.31 3.74
C ALA A 111 25.21 2.16 3.45
N LYS A 112 25.55 1.09 2.72
CA LYS A 112 26.89 0.80 2.33
C LYS A 112 27.30 1.59 1.07
N GLU A 113 26.46 2.47 0.55
CA GLU A 113 26.88 3.16 -0.65
C GLU A 113 27.52 4.51 -0.34
N LYS A 114 28.13 5.06 -1.35
CA LYS A 114 28.87 6.28 -1.20
C LYS A 114 28.00 7.46 -0.81
N GLY A 115 28.42 8.09 0.27
CA GLY A 115 27.77 9.28 0.76
C GLY A 115 26.55 8.98 1.58
N VAL A 116 26.33 7.73 1.95
CA VAL A 116 25.09 7.40 2.64
C VAL A 116 25.33 7.31 4.13
N LYS A 117 24.41 7.88 4.90
CA LYS A 117 24.50 7.89 6.35
C LYS A 117 23.24 7.34 6.97
N THR A 118 23.37 6.76 8.15
CA THR A 118 22.24 6.24 8.86
C THR A 118 22.21 6.98 10.15
N SER A 119 21.11 7.65 10.41
CA SER A 119 20.88 8.41 11.62
C SER A 119 20.61 7.46 12.77
N SER A 120 20.77 7.93 14.00
CA SER A 120 20.39 7.08 15.15
C SER A 120 18.97 6.62 15.06
N THR A 121 18.08 7.37 14.44
CA THR A 121 16.70 6.92 14.34
C THR A 121 16.51 5.80 13.33
N GLY A 122 17.51 5.54 12.50
CA GLY A 122 17.33 4.53 11.46
C GLY A 122 17.07 5.12 10.07
N LEU A 123 16.88 6.43 9.97
CA LEU A 123 16.79 7.05 8.66
C LEU A 123 18.08 6.77 7.88
N VAL A 124 17.97 6.32 6.62
CA VAL A 124 19.17 6.19 5.80
C VAL A 124 19.12 7.31 4.77
N TYR A 125 20.14 8.15 4.66
CA TYR A 125 20.00 9.28 3.74
C TYR A 125 21.22 9.59 2.99
N GLN A 126 21.04 10.23 1.86
CA GLN A 126 22.16 10.60 1.03
C GLN A 126 21.95 11.99 0.49
N VAL A 127 22.76 12.91 0.97
CA VAL A 127 22.68 14.26 0.47
C VAL A 127 23.30 14.27 -0.89
N VAL A 128 22.56 14.75 -1.88
CA VAL A 128 23.09 14.80 -3.22
C VAL A 128 23.58 16.24 -3.59
N GLU A 129 22.93 17.27 -3.07
CA GLU A 129 23.37 18.65 -3.28
C GLU A 129 23.09 19.33 -1.96
N ALA A 130 24.08 20.04 -1.48
CA ALA A 130 24.05 20.55 -0.12
C ALA A 130 22.99 21.59 0.12
N GLY A 131 22.81 22.46 -0.88
CA GLY A 131 21.91 23.59 -0.78
C GLY A 131 22.66 24.79 -0.22
N LYS A 132 22.19 25.97 -0.55
CA LYS A 132 22.90 27.18 -0.14
C LYS A 132 22.08 28.09 0.69
N GLY A 133 20.80 27.80 0.86
CA GLY A 133 19.99 28.64 1.70
C GLY A 133 20.25 28.31 3.14
N GLU A 134 19.16 28.11 3.89
CA GLU A 134 19.24 27.64 5.25
C GLU A 134 18.40 26.39 5.31
N ALA A 135 18.40 25.76 6.46
CA ALA A 135 17.68 24.52 6.60
C ALA A 135 16.39 24.76 7.34
N PRO A 136 15.37 24.08 6.90
CA PRO A 136 14.05 24.25 7.46
C PRO A 136 14.08 23.77 8.89
N LYS A 137 13.12 24.27 9.65
CA LYS A 137 12.88 23.84 11.00
C LYS A 137 11.42 23.42 11.07
N ASP A 138 11.07 22.80 12.17
CA ASP A 138 9.78 22.19 12.35
C ASP A 138 8.56 23.05 12.01
N SER A 139 8.58 24.32 12.38
CA SER A 139 7.48 25.19 12.10
C SER A 139 7.50 25.80 10.70
N ASP A 140 8.53 25.49 9.90
CA ASP A 140 8.64 26.06 8.57
C ASP A 140 7.81 25.34 7.50
N THR A 141 7.38 26.10 6.52
CA THR A 141 6.70 25.60 5.35
C THR A 141 7.81 25.33 4.33
N VAL A 142 7.78 24.15 3.71
CA VAL A 142 8.76 23.83 2.71
C VAL A 142 8.07 23.64 1.39
N VAL A 143 8.79 23.91 0.30
CA VAL A 143 8.31 23.65 -1.03
C VAL A 143 9.29 22.64 -1.63
N VAL A 144 8.78 21.56 -2.20
CA VAL A 144 9.65 20.50 -2.63
C VAL A 144 9.20 19.85 -3.89
N ASN A 145 10.16 19.30 -4.61
CA ASN A 145 9.88 18.41 -5.70
C ASN A 145 10.17 17.07 -5.10
N TYR A 146 9.47 16.04 -5.47
CA TYR A 146 9.82 14.72 -5.00
C TYR A 146 9.24 13.60 -5.84
N LYS A 147 9.81 12.44 -5.62
CA LYS A 147 9.42 11.20 -6.26
C LYS A 147 9.59 10.18 -5.16
N GLY A 148 8.55 9.41 -4.90
CA GLY A 148 8.63 8.39 -3.88
C GLY A 148 8.26 7.02 -4.45
N THR A 149 8.97 5.97 -4.04
CA THR A 149 8.58 4.65 -4.46
C THR A 149 8.72 3.68 -3.32
N LEU A 150 8.21 2.47 -3.51
CA LEU A 150 8.46 1.39 -2.55
C LEU A 150 9.78 0.76 -2.97
N ILE A 151 10.31 -0.09 -2.12
CA ILE A 151 11.61 -0.67 -2.44
C ILE A 151 11.54 -1.57 -3.70
N ASP A 152 10.37 -2.00 -4.14
CA ASP A 152 10.36 -2.77 -5.38
C ASP A 152 10.43 -1.79 -6.55
N GLY A 153 10.53 -0.51 -6.24
CA GLY A 153 10.66 0.52 -7.26
C GLY A 153 9.37 1.09 -7.81
N LYS A 154 8.24 0.63 -7.29
CA LYS A 154 6.96 1.11 -7.81
C LYS A 154 6.57 2.42 -7.12
N GLU A 155 6.10 3.39 -7.89
CA GLU A 155 5.85 4.70 -7.30
C GLU A 155 4.43 4.89 -6.76
N PHE A 156 4.33 5.65 -5.67
CA PHE A 156 3.03 5.97 -5.08
C PHE A 156 2.79 7.50 -5.16
N ASP A 157 3.87 8.26 -5.27
CA ASP A 157 3.80 9.71 -5.38
C ASP A 157 4.92 10.29 -6.26
N ASN A 158 4.63 11.36 -7.01
CA ASN A 158 5.65 11.93 -7.90
C ASN A 158 5.81 13.45 -7.89
N SER A 159 5.26 14.17 -6.93
CA SER A 159 5.28 15.61 -7.10
C SER A 159 5.31 15.84 -8.62
N TYR A 160 6.51 15.80 -9.21
CA TYR A 160 6.69 16.02 -10.65
C TYR A 160 5.45 15.83 -11.53
N THR A 161 4.98 14.59 -11.65
CA THR A 161 3.84 14.27 -12.50
C THR A 161 2.53 14.92 -12.06
N ARG A 162 2.39 15.17 -10.76
CA ARG A 162 1.17 15.77 -10.23
C ARG A 162 0.94 17.11 -10.92
N GLY A 163 1.90 17.49 -11.75
CA GLY A 163 1.84 18.76 -12.45
C GLY A 163 2.31 19.90 -11.57
N GLU A 164 2.76 19.60 -10.36
CA GLU A 164 3.21 20.66 -9.48
C GLU A 164 4.01 20.12 -8.32
N PRO A 165 4.80 20.99 -7.70
CA PRO A 165 5.47 20.67 -6.44
C PRO A 165 4.51 20.87 -5.25
N LEU A 166 4.90 20.42 -4.08
CA LEU A 166 4.02 20.57 -2.95
C LEU A 166 4.62 21.45 -1.86
N SER A 167 3.75 22.14 -1.15
CA SER A 167 4.21 22.95 -0.07
C SER A 167 3.37 22.62 1.16
N PHE A 168 4.04 22.42 2.28
CA PHE A 168 3.43 22.03 3.55
C PHE A 168 4.32 22.37 4.74
N ARG A 169 3.68 22.53 5.89
CA ARG A 169 4.43 22.75 7.10
C ARG A 169 5.13 21.46 7.41
N LEU A 170 6.32 21.61 7.92
CA LEU A 170 7.19 20.48 8.07
C LEU A 170 6.90 19.55 9.23
N ASP A 171 6.27 20.01 10.29
CA ASP A 171 6.01 19.13 11.43
C ASP A 171 4.78 18.24 11.23
N GLY A 172 4.01 18.52 10.18
CA GLY A 172 2.84 17.73 9.84
C GLY A 172 3.15 16.36 9.24
N VAL A 173 4.14 16.30 8.35
CA VAL A 173 4.47 15.06 7.66
C VAL A 173 5.14 13.98 8.55
N ILE A 174 5.25 12.78 8.03
CA ILE A 174 5.97 11.73 8.77
C ILE A 174 7.42 12.14 9.14
N PRO A 175 7.84 11.69 10.31
CA PRO A 175 9.14 12.02 10.90
C PRO A 175 10.35 11.74 10.04
N GLY A 176 10.43 10.54 9.47
CA GLY A 176 11.49 10.23 8.56
C GLY A 176 11.70 11.37 7.60
N TRP A 177 10.60 11.95 7.15
CA TRP A 177 10.72 13.11 6.30
C TRP A 177 11.09 14.33 7.06
N THR A 178 10.47 14.60 8.17
CA THR A 178 10.83 15.86 8.74
C THR A 178 12.28 15.77 9.12
N GLU A 179 12.73 14.59 9.53
CA GLU A 179 14.11 14.54 9.94
C GLU A 179 15.01 14.74 8.75
N GLY A 180 14.67 14.08 7.67
CA GLY A 180 15.46 14.13 6.47
C GLY A 180 15.69 15.47 5.79
N LEU A 181 14.65 16.26 5.71
CA LEU A 181 14.75 17.54 5.08
C LEU A 181 15.53 18.52 5.89
N LYS A 182 15.80 18.16 7.14
CA LYS A 182 16.61 19.03 7.97
C LYS A 182 18.06 18.74 7.73
N ASN A 183 18.36 17.73 6.93
CA ASN A 183 19.73 17.45 6.64
C ASN A 183 20.21 18.26 5.44
N ILE A 184 19.34 19.01 4.77
CA ILE A 184 19.81 19.89 3.72
C ILE A 184 19.25 21.29 3.85
N LYS A 185 19.70 22.17 2.97
CA LYS A 185 19.24 23.55 2.93
C LYS A 185 18.53 23.87 1.61
N LYS A 186 17.85 25.00 1.58
CA LYS A 186 17.17 25.44 0.40
C LYS A 186 18.08 25.26 -0.81
N GLY A 187 17.53 24.63 -1.84
CA GLY A 187 18.23 24.37 -3.08
C GLY A 187 18.89 23.02 -3.01
N GLY A 188 18.68 22.28 -1.93
CA GLY A 188 19.36 21.02 -1.79
C GLY A 188 18.60 19.84 -2.38
N LYS A 189 19.28 18.70 -2.48
CA LYS A 189 18.67 17.48 -2.97
C LYS A 189 19.08 16.36 -2.05
N ILE A 190 18.15 15.51 -1.72
CA ILE A 190 18.46 14.41 -0.82
C ILE A 190 17.65 13.15 -1.13
N LYS A 191 18.29 11.99 -0.95
CA LYS A 191 17.58 10.77 -1.14
C LYS A 191 17.33 10.27 0.26
N LEU A 192 16.08 9.93 0.55
CA LEU A 192 15.70 9.38 1.86
C LEU A 192 15.20 7.92 1.71
N VAL A 193 15.67 7.06 2.60
CA VAL A 193 15.19 5.71 2.68
C VAL A 193 14.70 5.61 4.13
N ILE A 194 13.38 5.56 4.27
CA ILE A 194 12.71 5.63 5.53
C ILE A 194 12.07 4.32 5.96
N PRO A 195 12.48 3.84 7.10
CA PRO A 195 11.91 2.65 7.69
C PRO A 195 10.50 2.99 8.14
N PRO A 196 9.66 1.97 8.17
CA PRO A 196 8.22 2.08 8.46
C PRO A 196 7.87 2.80 9.76
N GLU A 197 8.66 2.55 10.77
CA GLU A 197 8.43 3.22 12.04
C GLU A 197 8.64 4.74 11.99
N LEU A 198 9.31 5.23 10.95
CA LEU A 198 9.47 6.67 10.75
C LEU A 198 8.49 7.12 9.69
N ALA A 199 7.60 6.20 9.34
CA ALA A 199 6.66 6.43 8.24
C ALA A 199 5.24 5.97 8.57
N TYR A 200 4.70 4.97 7.86
CA TYR A 200 3.31 4.63 8.11
C TYR A 200 3.08 3.43 8.99
N GLY A 201 4.15 2.90 9.57
CA GLY A 201 4.01 1.82 10.55
C GLY A 201 3.63 0.48 9.96
N LYS A 202 3.28 -0.43 10.85
CA LYS A 202 2.91 -1.76 10.41
C LYS A 202 1.52 -1.70 9.83
N ALA A 203 0.77 -0.73 10.28
CA ALA A 203 -0.57 -0.58 9.79
C ALA A 203 -0.53 -0.12 8.35
N GLY A 204 0.14 0.99 8.15
CA GLY A 204 0.23 1.56 6.83
C GLY A 204 -1.01 2.38 6.60
N VAL A 205 -1.15 2.83 5.36
CA VAL A 205 -2.29 3.63 4.94
C VAL A 205 -2.70 3.26 3.52
N PRO A 206 -3.89 3.68 3.14
CA PRO A 206 -4.38 3.39 1.80
C PRO A 206 -3.30 3.71 0.80
N GLY A 207 -2.86 2.70 0.05
CA GLY A 207 -1.86 2.88 -0.98
C GLY A 207 -0.46 2.41 -0.60
N ILE A 208 -0.16 2.46 0.71
CA ILE A 208 1.12 2.00 1.23
C ILE A 208 0.96 0.68 1.99
N PRO A 209 1.59 -0.38 1.55
CA PRO A 209 1.45 -1.64 2.29
C PRO A 209 2.04 -1.55 3.67
N PRO A 210 1.61 -2.47 4.51
CA PRO A 210 2.06 -2.54 5.89
C PRO A 210 3.57 -2.69 5.99
N ASN A 211 4.16 -2.05 7.00
CA ASN A 211 5.62 -2.02 7.22
C ASN A 211 6.48 -1.71 6.07
N SER A 212 6.12 -0.75 5.25
CA SER A 212 6.98 -0.57 4.11
C SER A 212 7.97 0.51 4.31
N THR A 213 9.16 0.22 3.85
CA THR A 213 10.23 1.19 3.78
C THR A 213 10.00 2.05 2.55
N LEU A 214 10.11 3.36 2.71
CA LEU A 214 9.87 4.26 1.62
C LEU A 214 11.16 4.90 1.09
N VAL A 215 11.24 5.06 -0.23
CA VAL A 215 12.38 5.67 -0.87
C VAL A 215 11.95 6.96 -1.54
N PHE A 216 12.54 8.08 -1.13
CA PHE A 216 12.27 9.36 -1.75
C PHE A 216 13.50 10.06 -2.33
N ASP A 217 13.36 10.61 -3.55
CA ASP A 217 14.28 11.63 -4.03
C ASP A 217 13.56 12.96 -3.77
N VAL A 218 14.20 13.87 -3.07
CA VAL A 218 13.58 15.13 -2.73
C VAL A 218 14.44 16.30 -3.09
N GLU A 219 13.81 17.35 -3.60
CA GLU A 219 14.51 18.60 -3.87
C GLU A 219 13.80 19.70 -3.09
N LEU A 220 14.57 20.43 -2.27
CA LEU A 220 13.98 21.46 -1.44
C LEU A 220 14.09 22.76 -2.17
N LEU A 221 12.95 23.24 -2.66
CA LEU A 221 12.90 24.45 -3.48
C LEU A 221 12.80 25.74 -2.65
N ASP A 222 12.26 25.61 -1.46
CA ASP A 222 12.05 26.82 -0.71
C ASP A 222 11.73 26.49 0.74
N VAL A 223 11.93 27.50 1.57
CA VAL A 223 11.71 27.43 2.98
C VAL A 223 11.10 28.74 3.41
N LYS A 224 9.97 28.67 4.09
CA LYS A 224 9.25 29.85 4.56
C LYS A 224 8.87 29.66 6.04
N PRO A 225 8.86 30.73 6.81
CA PRO A 225 8.44 30.63 8.22
C PRO A 225 6.95 30.50 8.33
N ALA A 226 6.47 29.91 9.43
CA ALA A 226 5.04 29.87 9.68
C ALA A 226 4.57 31.30 9.69
N PRO A 227 3.49 31.54 8.97
CA PRO A 227 2.88 32.88 8.91
C PRO A 227 2.46 33.29 10.31
#